data_5AZQ
#
_entry.id   5AZQ
#
_cell.length_a   34.774
_cell.length_b   28.808
_cell.length_c   63.258
_cell.angle_alpha   90.00
_cell.angle_beta   105.64
_cell.angle_gamma   90.00
#
_symmetry.space_group_name_H-M   'P 1 21 1'
#
loop_
_entity.id
_entity.type
_entity.pdbx_description
1 polymer Myoglobin
2 non-polymer '(1R,19R) cobalt tetradehydrocorrin'
3 non-polymer '(1S,19S) cobalt tetradehydrocorrin'
4 non-polymer 'CYANIDE ION'
5 non-polymer 'SULFATE ION'
6 water water
#
_entity_poly.entity_id   1
_entity_poly.type   'polypeptide(L)'
_entity_poly.pdbx_seq_one_letter_code
;GLSDGEWQQVLNVWGKVEADIAGHGQEVLIRLFTGHPETLEKFDKFKHLKTEAEMKASEDLKKHGTVVLTALGGILKKKG
HHEAELKPLAQSHATKHKIPIKYLEFISDAIIHVLHSKHPGDFGADAQGAMTKALELFRNDIAAKYKELGFQG
;
_entity_poly.pdbx_strand_id   A
#
loop_
_chem_comp.id
_chem_comp.type
_chem_comp.name
_chem_comp.formula
CYN non-polymer 'CYANIDE ION' 'C N -1'
J1R non-polymer '(1R,19R) cobalt tetradehydrocorrin' 'C33 H37 Co N4 O4 1'
J1S non-polymer '(1S,19S) cobalt tetradehydrocorrin' 'C33 H37 Co N4 O4 1'
SO4 non-polymer 'SULFATE ION' 'O4 S -2'
#
# COMPACT_ATOMS: atom_id res chain seq x y z
N GLY A 1 11.60 -4.29 13.93
CA GLY A 1 10.41 -3.37 14.03
C GLY A 1 10.79 -1.90 14.14
N LEU A 2 9.93 -1.08 14.72
CA LEU A 2 10.13 0.37 14.77
C LEU A 2 10.18 0.74 16.23
N SER A 3 10.93 1.75 16.57
CA SER A 3 10.84 2.38 17.85
C SER A 3 9.51 3.15 17.97
N ASP A 4 9.17 3.54 19.22
CA ASP A 4 8.02 4.37 19.48
C ASP A 4 8.13 5.69 18.65
N GLY A 5 9.30 6.33 18.66
CA GLY A 5 9.48 7.52 17.90
C GLY A 5 9.24 7.37 16.40
N GLU A 6 9.70 6.26 15.83
CA GLU A 6 9.42 5.95 14.46
C GLU A 6 7.95 5.71 14.17
N TRP A 7 7.27 4.98 15.06
CA TRP A 7 5.83 4.81 14.87
C TRP A 7 5.11 6.14 14.91
N GLN A 8 5.57 7.03 15.81
CA GLN A 8 4.96 8.34 15.86
C GLN A 8 5.13 9.09 14.56
N GLN A 9 6.36 9.07 13.99
CA GLN A 9 6.53 9.62 12.66
C GLN A 9 5.65 9.03 11.60
N VAL A 10 5.52 7.73 11.63
CA VAL A 10 4.67 7.04 10.68
C VAL A 10 3.21 7.56 10.76
N LEU A 11 2.70 7.61 11.98
CA LEU A 11 1.34 7.98 12.15
C LEU A 11 1.12 9.51 11.95
N ASN A 12 2.19 10.29 12.11
CA ASN A 12 2.06 11.67 11.77
C ASN A 12 1.99 11.89 10.23
N VAL A 13 2.80 11.17 9.52
CA VAL A 13 2.69 11.15 8.07
C VAL A 13 1.31 10.63 7.63
N TRP A 14 0.82 9.64 8.34
CA TRP A 14 -0.47 9.04 7.92
C TRP A 14 -1.57 10.08 8.06
N GLY A 15 -1.48 11.02 9.03
CA GLY A 15 -2.41 12.12 9.04
C GLY A 15 -2.52 12.91 7.81
N LYS A 16 -1.43 13.07 7.07
CA LYS A 16 -1.50 13.74 5.81
C LYS A 16 -2.35 12.92 4.85
N VAL A 17 -2.16 11.62 4.88
CA VAL A 17 -2.93 10.79 4.01
C VAL A 17 -4.43 10.83 4.34
N GLU A 18 -4.74 10.85 5.65
CA GLU A 18 -6.14 10.85 6.08
C GLU A 18 -6.90 12.13 5.76
N ALA A 19 -6.19 13.22 5.47
CA ALA A 19 -6.85 14.42 5.07
C ALA A 19 -7.45 14.28 3.68
N ASP A 20 -6.91 13.36 2.85
CA ASP A 20 -7.53 13.06 1.58
C ASP A 20 -7.23 11.65 1.20
N ILE A 21 -7.91 10.74 1.89
CA ILE A 21 -7.59 9.34 1.71
C ILE A 21 -7.89 8.83 0.33
N ALA A 22 -8.99 9.27 -0.23
CA ALA A 22 -9.28 8.86 -1.59
C ALA A 22 -8.24 9.33 -2.59
N GLY A 23 -7.83 10.57 -2.45
CA GLY A 23 -6.94 11.12 -3.43
C GLY A 23 -5.57 10.46 -3.34
N HIS A 24 -5.09 10.25 -2.11
CA HIS A 24 -3.82 9.52 -1.90
C HIS A 24 -3.93 8.10 -2.44
N GLY A 25 -5.03 7.43 -2.18
CA GLY A 25 -5.27 6.10 -2.66
C GLY A 25 -5.34 6.00 -4.14
N GLN A 26 -6.08 6.90 -4.73
CA GLN A 26 -6.10 6.98 -6.22
C GLN A 26 -4.67 7.11 -6.78
N GLU A 27 -3.91 8.08 -6.24
CA GLU A 27 -2.59 8.42 -6.88
C GLU A 27 -1.61 7.27 -6.64
N VAL A 28 -1.75 6.57 -5.50
CA VAL A 28 -0.93 5.41 -5.24
C VAL A 28 -1.26 4.30 -6.29
N LEU A 29 -2.54 3.97 -6.43
CA LEU A 29 -2.91 2.95 -7.41
C LEU A 29 -2.51 3.34 -8.83
N ILE A 30 -2.72 4.60 -9.17
CA ILE A 30 -2.27 5.03 -10.50
C ILE A 30 -0.74 4.85 -10.73
N ARG A 31 0.01 5.22 -9.74
CA ARG A 31 1.44 5.09 -9.79
C ARG A 31 1.84 3.62 -9.97
N LEU A 32 1.13 2.72 -9.26
CA LEU A 32 1.35 1.26 -9.34
C LEU A 32 0.98 0.77 -10.72
N PHE A 33 -0.17 1.20 -11.22
CA PHE A 33 -0.61 0.64 -12.51
C PHE A 33 0.22 1.13 -13.66
N THR A 34 0.62 2.38 -13.61
CA THR A 34 1.36 2.94 -14.75
C THR A 34 2.80 2.54 -14.68
N GLY A 35 3.38 2.47 -13.46
CA GLY A 35 4.76 2.02 -13.31
C GLY A 35 4.96 0.53 -13.59
N HIS A 36 3.90 -0.25 -13.36
CA HIS A 36 3.91 -1.70 -13.40
C HIS A 36 2.61 -2.20 -13.98
N PRO A 37 2.51 -2.15 -15.30
CA PRO A 37 1.23 -2.47 -15.94
C PRO A 37 0.76 -3.91 -15.67
N GLU A 38 1.65 -4.84 -15.36
CA GLU A 38 1.26 -6.20 -15.00
C GLU A 38 0.30 -6.21 -13.82
N THR A 39 0.45 -5.23 -12.93
CA THR A 39 -0.37 -5.19 -11.74
C THR A 39 -1.81 -4.91 -12.10
N LEU A 40 -2.05 -4.12 -13.09
CA LEU A 40 -3.41 -3.72 -13.54
C LEU A 40 -4.12 -4.98 -13.95
N GLU A 41 -3.42 -5.87 -14.64
CA GLU A 41 -4.13 -7.08 -15.15
C GLU A 41 -4.77 -7.90 -14.11
N LYS A 42 -4.34 -7.84 -12.85
CA LYS A 42 -4.95 -8.62 -11.78
C LYS A 42 -6.26 -8.06 -11.30
N PHE A 43 -6.65 -6.86 -11.77
CA PHE A 43 -7.89 -6.20 -11.30
C PHE A 43 -8.91 -6.27 -12.41
N ASP A 44 -9.82 -7.25 -12.34
CA ASP A 44 -10.76 -7.36 -13.40
C ASP A 44 -11.54 -6.07 -13.50
N LYS A 45 -11.78 -5.40 -12.38
CA LYS A 45 -12.59 -4.21 -12.55
C LYS A 45 -11.84 -2.90 -12.89
N PHE A 46 -10.53 -2.97 -13.10
CA PHE A 46 -9.77 -1.84 -13.61
C PHE A 46 -9.03 -2.11 -14.87
N LYS A 47 -8.97 -3.36 -15.29
CA LYS A 47 -8.36 -3.81 -16.57
C LYS A 47 -8.82 -2.96 -17.74
N HIS A 48 -10.10 -2.53 -17.72
CA HIS A 48 -10.61 -1.71 -18.83
C HIS A 48 -9.89 -0.36 -18.99
N LEU A 49 -9.23 0.16 -17.96
CA LEU A 49 -8.61 1.46 -18.04
C LEU A 49 -7.36 1.43 -18.86
N LYS A 50 -7.34 2.13 -19.98
CA LYS A 50 -6.16 2.13 -20.88
C LYS A 50 -5.24 3.27 -20.70
N THR A 51 -5.69 4.39 -20.18
CA THR A 51 -4.89 5.55 -20.12
C THR A 51 -4.96 6.11 -18.76
N GLU A 52 -3.97 6.90 -18.44
CA GLU A 52 -3.97 7.48 -17.10
C GLU A 52 -5.11 8.53 -16.94
N ALA A 53 -5.51 9.22 -18.04
CA ALA A 53 -6.71 10.05 -17.95
C ALA A 53 -7.87 9.19 -17.54
N GLU A 54 -8.03 8.00 -18.12
CA GLU A 54 -9.21 7.22 -17.74
C GLU A 54 -9.12 6.82 -16.30
N MET A 55 -7.93 6.48 -15.83
CA MET A 55 -7.75 6.14 -14.41
C MET A 55 -8.13 7.27 -13.48
N LYS A 56 -7.61 8.44 -13.82
CA LYS A 56 -7.87 9.64 -13.02
C LYS A 56 -9.33 9.98 -12.94
N ALA A 57 -10.06 9.75 -14.04
CA ALA A 57 -11.45 10.00 -14.14
C ALA A 57 -12.32 8.94 -13.46
N SER A 58 -11.79 7.80 -13.07
CA SER A 58 -12.59 6.68 -12.56
C SER A 58 -12.93 6.96 -11.09
N GLU A 59 -14.24 7.11 -10.83
CA GLU A 59 -14.70 7.29 -9.50
C GLU A 59 -14.57 6.03 -8.71
N ASP A 60 -14.74 4.87 -9.37
CA ASP A 60 -14.59 3.59 -8.67
C ASP A 60 -13.16 3.37 -8.21
N LEU A 61 -12.19 3.82 -9.02
CA LEU A 61 -10.79 3.73 -8.62
C LEU A 61 -10.48 4.51 -7.39
N LYS A 62 -10.99 5.74 -7.37
CA LYS A 62 -10.85 6.52 -6.12
C LYS A 62 -11.46 5.83 -4.92
N LYS A 63 -12.65 5.40 -5.10
CA LYS A 63 -13.33 4.62 -3.99
C LYS A 63 -12.50 3.43 -3.49
N HIS A 64 -11.96 2.68 -4.45
CA HIS A 64 -11.08 1.58 -4.13
C HIS A 64 -9.81 2.05 -3.46
N GLY A 65 -9.29 3.18 -3.89
CA GLY A 65 -8.16 3.82 -3.20
C GLY A 65 -8.45 4.00 -1.66
N THR A 66 -9.62 4.50 -1.34
CA THR A 66 -10.10 4.54 0.06
C THR A 66 -10.07 3.17 0.73
N VAL A 67 -10.63 2.14 0.07
CA VAL A 67 -10.65 0.76 0.66
C VAL A 67 -9.23 0.34 1.00
N VAL A 68 -8.32 0.53 0.05
CA VAL A 68 -6.93 0.08 0.21
C VAL A 68 -6.19 0.78 1.31
N LEU A 69 -6.28 2.12 1.32
CA LEU A 69 -5.55 2.85 2.32
C LEU A 69 -6.19 2.80 3.68
N THR A 70 -7.51 2.53 3.72
CA THR A 70 -8.15 2.31 5.04
C THR A 70 -7.59 1.07 5.67
N ALA A 71 -7.49 0.02 4.87
CA ALA A 71 -6.96 -1.22 5.34
C ALA A 71 -5.50 -1.03 5.83
N LEU A 72 -4.70 -0.37 5.00
CA LEU A 72 -3.33 -0.13 5.45
C LEU A 72 -3.24 0.72 6.69
N GLY A 73 -4.01 1.78 6.77
CA GLY A 73 -4.00 2.64 7.92
C GLY A 73 -4.35 1.92 9.20
N GLY A 74 -5.34 1.01 9.14
CA GLY A 74 -5.73 0.35 10.38
C GLY A 74 -4.64 -0.60 10.87
N ILE A 75 -3.88 -1.13 9.91
CA ILE A 75 -2.75 -1.99 10.23
C ILE A 75 -1.65 -1.12 10.87
N LEU A 76 -1.33 -0.02 10.24
CA LEU A 76 -0.25 0.87 10.77
C LEU A 76 -0.57 1.38 12.15
N LYS A 77 -1.83 1.56 12.44
CA LYS A 77 -2.19 2.08 13.79
C LYS A 77 -2.04 1.07 14.89
N LYS A 78 -1.84 -0.16 14.51
CA LYS A 78 -1.50 -1.28 15.46
C LYS A 78 -0.06 -1.31 15.89
N LYS A 79 0.78 -0.55 15.17
CA LYS A 79 2.17 -0.42 15.53
C LYS A 79 2.85 -1.74 15.67
N GLY A 80 2.62 -2.58 14.67
CA GLY A 80 3.20 -3.92 14.60
C GLY A 80 2.33 -5.07 15.26
N HIS A 81 1.33 -4.73 16.09
CA HIS A 81 0.50 -5.72 16.70
C HIS A 81 -0.68 -6.02 15.77
N HIS A 82 -0.35 -6.51 14.60
CA HIS A 82 -1.27 -6.56 13.48
C HIS A 82 -1.57 -7.91 12.93
N GLU A 83 -1.26 -9.01 13.66
CA GLU A 83 -1.48 -10.29 13.10
C GLU A 83 -2.93 -10.51 12.65
N ALA A 84 -3.95 -10.16 13.48
CA ALA A 84 -5.33 -10.37 13.09
C ALA A 84 -5.73 -9.62 11.81
N GLU A 85 -5.24 -8.43 11.61
CA GLU A 85 -5.59 -7.58 10.51
C GLU A 85 -4.75 -7.98 9.27
N LEU A 86 -3.53 -8.43 9.48
CA LEU A 86 -2.65 -8.64 8.37
C LEU A 86 -2.81 -10.05 7.76
N LYS A 87 -3.01 -11.06 8.58
CA LYS A 87 -3.06 -12.45 8.10
C LYS A 87 -4.16 -12.67 7.04
N PRO A 88 -5.38 -12.21 7.28
CA PRO A 88 -6.42 -12.35 6.26
C PRO A 88 -6.15 -11.61 5.00
N LEU A 89 -5.44 -10.51 5.16
CA LEU A 89 -5.05 -9.69 3.99
C LEU A 89 -4.08 -10.49 3.14
N ALA A 90 -3.06 -11.01 3.82
CA ALA A 90 -2.12 -11.87 3.17
C ALA A 90 -2.73 -13.02 2.46
N GLN A 91 -3.60 -13.73 3.17
CA GLN A 91 -4.17 -14.91 2.61
C GLN A 91 -5.08 -14.68 1.44
N SER A 92 -5.88 -13.66 1.50
CA SER A 92 -6.77 -13.26 0.43
CA SER A 92 -6.76 -13.37 0.38
C SER A 92 -5.95 -12.95 -0.83
N HIS A 93 -4.88 -12.22 -0.67
CA HIS A 93 -4.11 -11.84 -1.81
C HIS A 93 -3.28 -12.94 -2.44
N ALA A 94 -2.79 -13.88 -1.63
CA ALA A 94 -2.07 -15.05 -2.14
C ALA A 94 -3.00 -16.02 -2.82
N THR A 95 -4.18 -16.27 -2.30
CA THR A 95 -5.06 -17.30 -2.82
C THR A 95 -6.06 -16.76 -3.82
N LYS A 96 -6.95 -15.87 -3.43
CA LYS A 96 -7.97 -15.36 -4.33
C LYS A 96 -7.34 -14.47 -5.40
N HIS A 97 -6.58 -13.48 -5.00
CA HIS A 97 -6.15 -12.43 -5.97
C HIS A 97 -4.95 -12.73 -6.77
N LYS A 98 -4.23 -13.78 -6.38
CA LYS A 98 -3.08 -14.20 -7.11
C LYS A 98 -2.07 -13.15 -7.28
N ILE A 99 -1.77 -12.44 -6.26
CA ILE A 99 -0.80 -11.33 -6.34
C ILE A 99 0.59 -11.77 -5.95
N PRO A 100 1.53 -11.70 -6.90
CA PRO A 100 2.87 -11.93 -6.58
C PRO A 100 3.38 -11.05 -5.41
N ILE A 101 4.18 -11.64 -4.55
CA ILE A 101 4.67 -10.86 -3.45
C ILE A 101 5.44 -9.59 -3.87
N LYS A 102 6.08 -9.64 -5.01
CA LYS A 102 6.80 -8.45 -5.42
C LYS A 102 5.93 -7.21 -5.65
N TYR A 103 4.63 -7.42 -5.86
CA TYR A 103 3.74 -6.31 -6.03
C TYR A 103 3.64 -5.44 -4.77
N LEU A 104 3.91 -6.04 -3.62
CA LEU A 104 3.96 -5.26 -2.35
C LEU A 104 5.12 -4.29 -2.33
N GLU A 105 6.24 -4.72 -2.87
CA GLU A 105 7.38 -3.80 -3.01
C GLU A 105 6.98 -2.63 -3.92
N PHE A 106 6.37 -2.97 -5.08
CA PHE A 106 6.00 -1.94 -5.98
C PHE A 106 5.10 -0.88 -5.29
N ILE A 107 4.11 -1.33 -4.51
CA ILE A 107 3.21 -0.34 -3.94
C ILE A 107 3.85 0.47 -2.79
N SER A 108 4.82 -0.17 -2.15
CA SER A 108 5.60 0.52 -1.11
C SER A 108 6.35 1.69 -1.71
N ASP A 109 7.04 1.42 -2.81
CA ASP A 109 7.82 2.46 -3.47
C ASP A 109 6.83 3.54 -4.01
N ALA A 110 5.63 3.12 -4.47
CA ALA A 110 4.65 4.08 -4.95
C ALA A 110 4.16 5.00 -3.81
N ILE A 111 3.94 4.41 -2.63
CA ILE A 111 3.52 5.25 -1.46
C ILE A 111 4.57 6.31 -1.15
N ILE A 112 5.82 5.91 -1.15
CA ILE A 112 6.90 6.92 -0.87
C ILE A 112 6.86 7.95 -1.95
N HIS A 113 6.80 7.52 -3.23
CA HIS A 113 6.75 8.49 -4.34
C HIS A 113 5.61 9.50 -4.21
N VAL A 114 4.37 8.95 -3.97
CA VAL A 114 3.22 9.79 -3.92
C VAL A 114 3.29 10.77 -2.67
N LEU A 115 3.82 10.32 -1.55
CA LEU A 115 3.98 11.21 -0.40
C LEU A 115 4.90 12.43 -0.70
N HIS A 116 5.99 12.15 -1.40
CA HIS A 116 6.80 13.27 -1.85
C HIS A 116 6.11 14.17 -2.87
N SER A 117 5.37 13.55 -3.82
CA SER A 117 4.73 14.32 -4.81
C SER A 117 3.69 15.31 -4.25
N LYS A 118 2.94 14.81 -3.25
CA LYS A 118 1.86 15.57 -2.69
C LYS A 118 2.28 16.42 -1.55
N HIS A 119 3.42 16.14 -0.95
CA HIS A 119 3.92 16.90 0.23
C HIS A 119 5.38 17.31 0.07
N PRO A 120 5.71 18.01 -1.05
CA PRO A 120 7.12 18.31 -1.27
C PRO A 120 7.69 19.21 -0.21
N GLY A 121 8.81 18.81 0.35
CA GLY A 121 9.35 19.60 1.40
C GLY A 121 8.83 19.33 2.80
N ASP A 122 7.73 18.52 2.89
CA ASP A 122 7.07 18.22 4.12
C ASP A 122 7.08 16.74 4.40
N PHE A 123 8.02 15.97 3.84
CA PHE A 123 8.14 14.54 4.09
C PHE A 123 9.66 14.33 4.16
N GLY A 124 10.20 14.65 5.30
CA GLY A 124 11.61 14.75 5.55
C GLY A 124 12.29 13.39 5.62
N ALA A 125 13.61 13.44 5.77
CA ALA A 125 14.38 12.25 5.84
C ALA A 125 14.02 11.26 6.95
N ASP A 126 13.78 11.77 8.12
CA ASP A 126 13.34 11.01 9.29
C ASP A 126 12.03 10.34 8.94
N ALA A 127 11.08 11.17 8.49
CA ALA A 127 9.72 10.65 8.22
C ALA A 127 9.75 9.58 7.13
N GLN A 128 10.52 9.78 6.05
CA GLN A 128 10.63 8.76 5.03
C GLN A 128 11.27 7.52 5.58
N GLY A 129 12.28 7.65 6.39
CA GLY A 129 12.90 6.53 7.06
C GLY A 129 11.86 5.70 7.80
N ALA A 130 11.11 6.36 8.64
CA ALA A 130 10.14 5.64 9.45
C ALA A 130 9.09 4.95 8.61
N MET A 131 8.54 5.71 7.65
CA MET A 131 7.50 5.11 6.82
C MET A 131 8.05 3.89 6.07
N THR A 132 9.24 4.03 5.50
CA THR A 132 9.92 2.92 4.82
C THR A 132 10.07 1.70 5.76
N LYS A 133 10.47 1.91 6.99
CA LYS A 133 10.53 0.78 7.95
CA LYS A 133 10.53 0.81 7.94
C LYS A 133 9.14 0.11 8.14
N ALA A 134 8.14 0.94 8.24
CA ALA A 134 6.81 0.37 8.46
C ALA A 134 6.37 -0.43 7.28
N LEU A 135 6.64 0.02 6.08
CA LEU A 135 6.23 -0.67 4.88
C LEU A 135 7.06 -1.94 4.72
N GLU A 136 8.33 -1.92 5.12
CA GLU A 136 9.14 -3.12 5.16
C GLU A 136 8.57 -4.16 6.10
N LEU A 137 8.16 -3.72 7.28
CA LEU A 137 7.56 -4.63 8.28
C LEU A 137 6.33 -5.25 7.67
N PHE A 138 5.52 -4.44 7.07
CA PHE A 138 4.33 -4.85 6.41
C PHE A 138 4.59 -5.92 5.39
N ARG A 139 5.55 -5.69 4.48
CA ARG A 139 5.90 -6.69 3.46
C ARG A 139 6.46 -7.93 4.05
N ASN A 140 7.30 -7.77 5.03
CA ASN A 140 7.97 -8.90 5.67
C ASN A 140 6.93 -9.84 6.33
N ASP A 141 5.94 -9.26 7.01
CA ASP A 141 4.95 -10.10 7.68
C ASP A 141 4.02 -10.70 6.64
N ILE A 142 3.70 -9.97 5.58
CA ILE A 142 2.87 -10.59 4.54
C ILE A 142 3.68 -11.73 3.91
N ALA A 143 5.00 -11.50 3.64
CA ALA A 143 5.80 -12.54 3.03
C ALA A 143 5.84 -13.81 3.86
N ALA A 144 5.90 -13.68 5.17
CA ALA A 144 5.88 -14.85 6.02
C ALA A 144 4.60 -15.70 5.78
N LYS A 145 3.49 -15.00 5.66
CA LYS A 145 2.19 -15.68 5.41
C LYS A 145 2.17 -16.29 4.04
N TYR A 146 2.73 -15.60 3.04
CA TYR A 146 2.85 -16.15 1.68
C TYR A 146 3.66 -17.45 1.67
N LYS A 147 4.77 -17.42 2.39
CA LYS A 147 5.60 -18.61 2.47
CA LYS A 147 5.60 -18.61 2.47
C LYS A 147 4.85 -19.84 3.00
N GLU A 148 3.97 -19.63 4.01
CA GLU A 148 3.17 -20.71 4.54
C GLU A 148 2.41 -21.38 3.44
N LEU A 149 1.86 -20.56 2.57
CA LEU A 149 0.98 -21.01 1.46
C LEU A 149 1.73 -21.32 0.23
N GLY A 150 3.04 -21.30 0.23
CA GLY A 150 3.75 -21.66 -1.00
C GLY A 150 3.77 -20.58 -2.08
N PHE A 151 3.68 -19.31 -1.69
CA PHE A 151 3.73 -18.12 -2.55
C PHE A 151 2.63 -18.24 -3.64
N GLN A 152 3.00 -18.18 -4.98
CA GLN A 152 2.08 -18.41 -6.12
C GLN A 152 2.24 -19.75 -6.77
N GLY A 153 3.09 -20.60 -6.15
CA GLY A 153 3.42 -22.06 -6.52
C GLY A 153 2.85 -22.70 -7.77
O1B J1R B . -10.28 -9.09 -1.07
CGB J1R B . -9.92 -8.52 -0.01
O2B J1R B . -8.94 -8.92 0.74
CBB J1R B . -10.74 -7.26 0.41
CAB J1R B . -10.54 -6.00 -0.55
C3B J1R B . -9.12 -5.60 -0.62
C2B J1R B . -8.41 -4.89 0.32
CMB J1R B . -8.92 -4.32 1.59
C1B J1R B . -7.14 -4.84 -0.25
NB J1R B . -7.02 -5.61 -1.37
C4B J1R B . -8.25 -5.92 -1.66
CHB J1R B . -8.57 -6.60 -2.88
CHA J1R B . -6.04 -4.15 0.42
C4A J1R B . -4.67 -4.07 -0.09
NA J1R B . -4.47 -4.71 -1.17
CO J1R B . -5.49 -5.60 -2.46
C3A J1R B . -3.58 -3.47 0.46
C6A J1R B . -3.61 -2.71 1.75
C2A J1R B . -2.56 -3.73 -0.38
C5A J1R B . -1.14 -3.30 -0.14
C1A J1R B . -2.96 -4.68 -1.45
CAA J1R B . -2.26 -6.00 -1.07
C4D J1R B . -2.92 -4.57 -2.93
ND J1R B . -3.95 -5.51 -3.53
CAD J1R B . -3.26 -3.02 -3.10
C3D J1R B . -1.80 -4.77 -3.87
C6D J1R B . -0.46 -4.09 -3.75
C2D J1R B . -2.23 -5.43 -4.97
C5D J1R B . -1.56 -5.67 -6.26
C1D J1R B . -3.54 -5.85 -4.70
CHC J1R B . -4.51 -6.54 -5.50
C4C J1R B . -5.90 -6.80 -5.07
C3C J1R B . -6.82 -7.31 -5.97
CMC J1R B . -6.65 -7.71 -7.40
NC J1R B . -6.46 -6.51 -3.82
C1C J1R B . -7.71 -6.79 -4.00
C2C J1R B . -7.99 -7.28 -5.30
CAC J1R B . -9.37 -7.69 -5.78
CBD J1R B . -10.07 -6.36 -6.23
CGD J1R B . -11.51 -6.39 -6.78
O2C J1R B . -11.73 -7.10 -7.75
O1C J1R B . -12.46 -5.72 -6.29
O1B J1S C . -10.33 -9.09 -1.03
CGB J1S C . -9.93 -8.53 0.03
O2B J1S C . -8.95 -8.93 0.73
CBB J1S C . -10.75 -7.31 0.48
CAB J1S C . -10.61 -6.11 -0.52
C3B J1S C . -9.18 -5.71 -0.63
C2B J1S C . -8.42 -5.04 0.31
CMB J1S C . -8.86 -4.49 1.63
C1B J1S C . -7.16 -4.95 -0.26
NB J1S C . -7.08 -5.58 -1.45
C4B J1S C . -8.31 -6.00 -1.67
CHB J1S C . -8.67 -6.68 -2.90
CHA J1S C . -6.06 -4.29 0.48
C4A J1S C . -4.73 -4.05 -0.09
NA J1S C . -4.53 -4.63 -1.21
CO J1S C . -5.51 -5.60 -2.48
C3A J1S C . -3.65 -3.35 0.43
C6A J1S C . -3.62 -2.66 1.76
C2A J1S C . -2.67 -3.48 -0.51
C5A J1S C . -1.30 -2.85 -0.36
C1A J1S C . -3.21 -4.10 -1.73
CAA J1S C . -3.38 -2.86 -2.64
C4D J1S C . -2.66 -5.13 -2.69
ND J1S C . -3.88 -5.57 -3.47
CAD J1S C . -1.99 -6.19 -1.80
C3D J1S C . -1.68 -5.02 -3.80
C6D J1S C . -0.26 -4.57 -3.65
C2D J1S C . -2.19 -5.56 -4.95
C5D J1S C . -1.52 -5.76 -6.26
C1D J1S C . -3.52 -5.86 -4.70
CHC J1S C . -4.57 -6.43 -5.55
C4C J1S C . -5.95 -6.71 -5.09
C3C J1S C . -6.85 -7.24 -5.98
CMC J1S C . -6.64 -7.64 -7.41
NC J1S C . -6.46 -6.53 -3.81
C1C J1S C . -7.74 -6.82 -4.01
C2C J1S C . -8.03 -7.33 -5.28
CAC J1S C . -9.36 -7.79 -5.79
CBD J1S C . -9.94 -6.46 -6.31
CGD J1S C . -11.43 -6.48 -6.54
O2C J1S C . -11.85 -7.01 -7.58
O1C J1S C . -12.19 -5.96 -5.69
C CYN D . -6.17 -3.92 -3.50
N CYN D . -6.37 -3.08 -4.28
S SO4 E . -1.14 7.48 -21.20
O1 SO4 E . -1.28 9.00 -21.01
O2 SO4 E . -1.73 7.18 -22.48
O3 SO4 E . -1.83 6.84 -20.06
O4 SO4 E . 0.30 7.26 -21.42
S SO4 F . 0.49 -9.59 17.65
S SO4 F . -0.36 -9.42 17.50
O1 SO4 F . 0.41 -8.66 18.84
O1 SO4 F . 0.39 -8.76 18.63
O2 SO4 F . -0.12 -9.01 16.42
O2 SO4 F . 0.33 -9.28 16.20
O3 SO4 F . 1.94 -9.83 17.41
O3 SO4 F . -0.65 -10.85 17.87
O4 SO4 F . -0.22 -10.85 17.99
O4 SO4 F . -1.62 -8.71 17.34
#